data_8WYG
#
_entry.id   8WYG
#
_cell.length_a   91.782
_cell.length_b   95.497
_cell.length_c   109.080
_cell.angle_alpha   90.00
_cell.angle_beta   90.00
_cell.angle_gamma   90.00
#
_symmetry.space_group_name_H-M   'P 21 21 21'
#
loop_
_entity.id
_entity.type
_entity.pdbx_description
1 polymer 'Bromodomain-containing protein 2'
2 non-polymer 2-[[5-[2-(4-fluoranyl-2,6-dimethyl-phenoxy)-5-(2-oxidanylpropan-2-yl)phenyl]-1-methyl-2-oxidanylidene-pyridin-4-yl]amino]-~{N}-(4-oxidanylcyclohexyl)ethanamide
3 water water
#
_entity_poly.entity_id   1
_entity_poly.type   'polypeptide(L)'
_entity_poly.pdbx_seq_one_letter_code
;EGDIHMKKGHHHHHHENLYFQGGSGKLSEQLKHCNGILKELLSKKHAAYAWPFYKPVDASALGLHDYHDIIKHPMDLSTV
KRKMENRDYRDAQEFAADVRLMFSNCYKYNPPDHDVVAMARKLQDVFEFRYAKMPD
;
_entity_poly.pdbx_strand_id   A,B,C,D
#
loop_
_chem_comp.id
_chem_comp.type
_chem_comp.name
_chem_comp.formula
XHN non-polymer 2-[[5-[2-(4-fluoranyl-2,6-dimethyl-phenoxy)-5-(2-oxidanylpropan-2-yl)phenyl]-1-methyl-2-oxidanylidene-pyridin-4-yl]amino]-~{N}-(4-oxidanylcyclohexyl)ethanamide 'C31 H38 F N3 O5'
#
# COMPACT_ATOMS: atom_id res chain seq x y z
N LYS A 26 28.35 0.16 29.90
CA LYS A 26 28.67 -1.08 29.12
C LYS A 26 28.08 -0.94 27.71
N LEU A 27 28.78 -1.50 26.71
CA LEU A 27 28.36 -1.40 25.29
C LEU A 27 27.30 -2.43 24.85
N SER A 28 27.40 -3.68 25.31
CA SER A 28 26.36 -4.65 24.99
C SER A 28 25.16 -4.48 25.92
N GLU A 29 25.37 -3.85 27.08
CA GLU A 29 24.27 -3.40 27.92
C GLU A 29 23.35 -2.42 27.18
N GLN A 30 23.94 -1.55 26.38
CA GLN A 30 23.17 -0.72 25.44
C GLN A 30 22.62 -1.58 24.33
N LEU A 31 23.48 -2.40 23.74
CA LEU A 31 23.10 -3.18 22.56
C LEU A 31 21.91 -4.15 22.79
N LYS A 32 21.74 -4.70 24.00
CA LYS A 32 20.59 -5.56 24.23
C LYS A 32 19.33 -4.72 24.42
N HIS A 33 19.48 -3.42 24.70
CA HIS A 33 18.34 -2.49 24.64
C HIS A 33 18.00 -2.11 23.20
N CYS A 34 19.01 -1.89 22.33
CA CYS A 34 18.78 -1.83 20.87
C CYS A 34 18.05 -3.08 20.36
N ASN A 35 18.59 -4.26 20.68
CA ASN A 35 17.98 -5.57 20.31
C ASN A 35 16.50 -5.69 20.72
N GLY A 36 16.14 -5.10 21.86
CA GLY A 36 14.75 -5.06 22.33
C GLY A 36 13.86 -4.19 21.46
N ILE A 37 14.39 -3.05 21.03
CA ILE A 37 13.74 -2.17 20.06
C ILE A 37 13.42 -2.93 18.80
N LEU A 38 14.43 -3.63 18.28
CA LEU A 38 14.31 -4.37 17.04
C LEU A 38 13.28 -5.53 17.14
N LYS A 39 13.18 -6.16 18.32
CA LYS A 39 12.07 -7.10 18.58
C LYS A 39 10.77 -6.40 18.33
N GLU A 40 10.58 -5.26 18.99
CA GLU A 40 9.39 -4.42 18.90
C GLU A 40 9.05 -4.00 17.46
N LEU A 41 10.05 -3.56 16.69
CA LEU A 41 9.85 -3.14 15.28
C LEU A 41 9.37 -4.28 14.38
N LEU A 42 10.02 -5.41 14.56
CA LEU A 42 9.65 -6.60 13.85
C LEU A 42 8.37 -7.21 14.38
N SER A 43 7.99 -6.92 15.62
CA SER A 43 6.78 -7.51 16.21
C SER A 43 5.47 -7.10 15.49
N LYS A 44 4.44 -7.89 15.78
CA LYS A 44 3.12 -7.80 15.17
C LYS A 44 2.46 -6.43 15.36
N LYS A 45 2.41 -5.95 16.60
CA LYS A 45 1.75 -4.65 16.89
C LYS A 45 1.94 -3.66 15.77
N HIS A 46 3.17 -3.48 15.31
CA HIS A 46 3.47 -2.46 14.34
C HIS A 46 3.54 -2.94 12.88
N ALA A 47 3.05 -4.15 12.61
CA ALA A 47 3.26 -4.80 11.31
C ALA A 47 2.53 -4.10 10.18
N ALA A 48 1.42 -3.42 10.52
CA ALA A 48 0.58 -2.71 9.55
C ALA A 48 1.40 -1.77 8.72
N TYR A 49 2.36 -1.10 9.38
CA TYR A 49 3.28 -0.12 8.77
C TYR A 49 4.75 -0.63 8.72
N ALA A 50 5.13 -1.62 9.56
CA ALA A 50 6.49 -2.23 9.50
C ALA A 50 6.78 -3.14 8.29
N TRP A 51 5.77 -3.88 7.82
CA TRP A 51 5.96 -4.90 6.75
C TRP A 51 6.86 -4.53 5.50
N PRO A 52 6.78 -3.29 4.99
CA PRO A 52 7.66 -2.97 3.85
C PRO A 52 9.17 -2.82 4.18
N PHE A 53 9.52 -2.88 5.47
CA PHE A 53 10.93 -2.84 5.94
C PHE A 53 11.44 -4.17 6.48
N TYR A 54 10.53 -5.13 6.59
CA TYR A 54 10.86 -6.46 7.05
C TYR A 54 11.97 -7.09 6.22
N LYS A 55 11.92 -6.89 4.91
CA LYS A 55 12.92 -7.42 3.97
C LYS A 55 13.30 -6.31 3.01
N PRO A 56 14.35 -6.50 2.21
CA PRO A 56 14.79 -5.36 1.40
C PRO A 56 13.89 -5.16 0.21
N VAL A 57 13.74 -3.92 -0.20
CA VAL A 57 12.88 -3.57 -1.30
C VAL A 57 13.19 -4.48 -2.49
N ASP A 58 12.25 -5.33 -2.91
CA ASP A 58 12.46 -6.18 -4.12
C ASP A 58 12.32 -5.37 -5.41
N ALA A 59 13.31 -4.54 -5.69
CA ALA A 59 13.34 -3.69 -6.88
C ALA A 59 13.16 -4.45 -8.20
N SER A 60 13.61 -5.70 -8.21
CA SER A 60 13.38 -6.61 -9.34
C SER A 60 11.88 -6.87 -9.62
N ALA A 61 11.14 -7.46 -8.68
CA ALA A 61 9.70 -7.77 -8.87
C ALA A 61 8.87 -6.56 -9.24
N LEU A 62 9.21 -5.39 -8.68
CA LEU A 62 8.44 -4.15 -8.88
C LEU A 62 8.71 -3.43 -10.22
N GLY A 63 9.90 -3.64 -10.79
CA GLY A 63 10.32 -2.97 -12.03
C GLY A 63 10.95 -1.63 -11.75
N LEU A 64 11.84 -1.60 -10.77
CA LEU A 64 12.41 -0.37 -10.26
C LEU A 64 13.79 -0.17 -10.87
N HIS A 65 13.84 0.12 -12.16
CA HIS A 65 15.11 0.19 -12.90
C HIS A 65 16.06 1.26 -12.33
N ASP A 66 15.51 2.23 -11.61
CA ASP A 66 16.33 3.29 -11.02
C ASP A 66 16.63 3.12 -9.50
N TYR A 67 16.02 2.13 -8.83
CA TYR A 67 16.15 2.04 -7.37
C TYR A 67 17.62 2.05 -7.00
N HIS A 68 18.38 1.04 -7.42
CA HIS A 68 19.81 0.98 -7.02
C HIS A 68 20.76 2.10 -7.56
N ASP A 69 20.29 2.96 -8.45
CA ASP A 69 21.02 4.19 -8.84
C ASP A 69 20.81 5.26 -7.80
N ILE A 70 19.62 5.27 -7.21
CA ILE A 70 19.28 6.26 -6.18
C ILE A 70 19.66 5.83 -4.72
N ILE A 71 19.56 4.53 -4.43
CA ILE A 71 19.90 4.05 -3.11
C ILE A 71 21.21 3.27 -3.21
N LYS A 72 22.29 3.99 -2.92
CA LYS A 72 23.67 3.46 -2.95
C LYS A 72 23.89 2.40 -1.87
N HIS A 73 23.15 2.54 -0.75
CA HIS A 73 23.23 1.64 0.40
C HIS A 73 21.79 1.42 0.91
N PRO A 74 21.12 0.37 0.39
CA PRO A 74 19.86 -0.12 0.87
C PRO A 74 20.00 -0.62 2.25
N MET A 75 18.90 -0.84 2.92
CA MET A 75 18.95 -1.28 4.31
C MET A 75 17.54 -1.56 4.79
N ASP A 76 17.38 -2.62 5.57
CA ASP A 76 16.06 -3.07 5.98
C ASP A 76 16.22 -3.81 7.27
N LEU A 77 15.12 -4.12 7.93
CA LEU A 77 15.21 -4.71 9.25
C LEU A 77 15.84 -6.12 9.25
N SER A 78 15.62 -6.93 8.23
CA SER A 78 16.21 -8.29 8.24
C SER A 78 17.74 -8.24 8.11
N THR A 79 18.25 -7.21 7.46
CA THR A 79 19.68 -6.93 7.45
C THR A 79 20.12 -6.50 8.86
N VAL A 80 19.37 -5.62 9.49
CA VAL A 80 19.70 -5.14 10.83
C VAL A 80 19.68 -6.32 11.83
N LYS A 81 18.71 -7.22 11.70
CA LYS A 81 18.63 -8.42 12.55
C LYS A 81 19.82 -9.37 12.36
N ARG A 82 20.32 -9.50 11.14
CA ARG A 82 21.49 -10.33 10.85
C ARG A 82 22.74 -9.75 11.47
N LYS A 83 22.98 -8.46 11.22
CA LYS A 83 24.08 -7.70 11.81
C LYS A 83 24.01 -7.64 13.35
N MET A 84 22.82 -7.79 13.91
CA MET A 84 22.64 -7.90 15.35
C MET A 84 23.06 -9.26 15.83
N GLU A 85 22.56 -10.31 15.18
CA GLU A 85 22.91 -11.71 15.50
C GLU A 85 24.38 -11.98 15.21
N ASN A 86 24.88 -11.37 14.15
CA ASN A 86 26.30 -11.47 13.78
C ASN A 86 27.21 -10.75 14.75
N ARG A 87 26.69 -9.77 15.47
CA ARG A 87 27.50 -8.95 16.35
C ARG A 87 28.44 -8.11 15.51
N ASP A 88 27.91 -7.30 14.62
CA ASP A 88 28.72 -6.35 13.86
C ASP A 88 28.62 -4.93 14.44
N TYR A 89 27.84 -4.76 15.50
CA TYR A 89 27.52 -3.43 16.01
C TYR A 89 28.36 -3.08 17.27
N ARG A 90 29.30 -2.12 17.13
CA ARG A 90 30.11 -1.62 18.27
C ARG A 90 29.26 -0.97 19.37
N ASP A 91 28.50 0.04 18.95
CA ASP A 91 27.68 0.85 19.84
C ASP A 91 26.26 0.97 19.29
N ALA A 92 25.39 1.46 20.16
CA ALA A 92 24.03 1.78 19.80
C ALA A 92 23.92 2.89 18.75
N GLN A 93 24.92 3.78 18.65
CA GLN A 93 24.94 4.76 17.54
C GLN A 93 25.00 4.08 16.19
N GLU A 94 25.75 2.98 16.10
CA GLU A 94 25.84 2.26 14.86
C GLU A 94 24.49 1.68 14.48
N PHE A 95 23.83 1.03 15.43
CA PHE A 95 22.45 0.53 15.25
C PHE A 95 21.56 1.63 14.70
N ALA A 96 21.45 2.74 15.44
CA ALA A 96 20.58 3.86 15.07
C ALA A 96 20.90 4.41 13.67
N ALA A 97 22.19 4.48 13.35
CA ALA A 97 22.65 4.96 12.04
C ALA A 97 22.06 4.15 10.88
N ASP A 98 22.00 2.82 11.03
CA ASP A 98 21.49 1.92 9.98
C ASP A 98 19.96 2.02 9.86
N VAL A 99 19.27 2.08 11.00
CA VAL A 99 17.83 2.22 11.00
C VAL A 99 17.40 3.55 10.37
N ARG A 100 18.08 4.65 10.69
CA ARG A 100 17.76 5.93 10.02
C ARG A 100 18.06 5.88 8.49
N LEU A 101 19.10 5.12 8.13
CA LEU A 101 19.48 4.93 6.74
C LEU A 101 18.31 4.34 6.01
N MET A 102 17.76 3.27 6.60
CA MET A 102 16.51 2.64 6.12
C MET A 102 15.40 3.64 5.86
N PHE A 103 14.99 4.38 6.89
CA PHE A 103 13.96 5.40 6.68
C PHE A 103 14.28 6.46 5.63
N SER A 104 15.52 6.97 5.62
CA SER A 104 15.91 8.03 4.65
C SER A 104 15.95 7.57 3.18
N ASN A 105 16.37 6.32 2.98
CA ASN A 105 16.26 5.70 1.69
C ASN A 105 14.80 5.73 1.28
N CYS A 106 13.90 5.39 2.19
CA CYS A 106 12.49 5.46 1.87
C CYS A 106 12.10 6.87 1.50
N TYR A 107 12.47 7.83 2.35
CA TYR A 107 12.06 9.21 2.12
C TYR A 107 12.68 9.73 0.84
N LYS A 108 13.90 9.28 0.53
CA LYS A 108 14.63 9.69 -0.71
C LYS A 108 13.99 9.11 -1.96
N TYR A 109 13.69 7.81 -1.97
CA TYR A 109 13.16 7.17 -3.17
C TYR A 109 11.68 7.57 -3.48
N ASN A 110 10.81 7.58 -2.48
CA ASN A 110 9.39 7.79 -2.77
C ASN A 110 9.00 9.26 -2.72
N PRO A 111 7.82 9.62 -3.28
CA PRO A 111 7.34 10.97 -3.08
C PRO A 111 6.75 11.11 -1.67
N PRO A 112 6.52 12.36 -1.21
CA PRO A 112 5.97 12.51 0.15
C PRO A 112 4.53 12.01 0.24
N ASP A 113 3.79 12.00 -0.88
CA ASP A 113 2.39 11.58 -0.87
C ASP A 113 2.20 10.06 -0.91
N HIS A 114 3.25 9.27 -1.16
CA HIS A 114 3.10 7.81 -1.26
C HIS A 114 2.81 7.14 0.10
N ASP A 115 2.15 5.98 0.03
CA ASP A 115 1.75 5.25 1.22
C ASP A 115 2.96 4.73 2.01
N VAL A 116 4.10 4.46 1.36
CA VAL A 116 5.26 3.95 2.13
C VAL A 116 5.79 4.98 3.06
N VAL A 117 5.74 6.24 2.63
CA VAL A 117 6.29 7.33 3.43
C VAL A 117 5.44 7.48 4.69
N ALA A 118 4.14 7.33 4.50
CA ALA A 118 3.19 7.33 5.60
C ALA A 118 3.60 6.31 6.64
N MET A 119 3.82 5.09 6.16
CA MET A 119 4.17 3.96 6.99
C MET A 119 5.51 4.21 7.64
N ALA A 120 6.51 4.60 6.84
CA ALA A 120 7.89 4.70 7.33
C ALA A 120 7.98 5.69 8.43
N ARG A 121 7.20 6.78 8.33
CA ARG A 121 7.07 7.74 9.43
C ARG A 121 6.55 7.11 10.74
N LYS A 122 5.48 6.35 10.63
CA LYS A 122 4.85 5.78 11.79
C LYS A 122 5.86 4.90 12.47
N LEU A 123 6.53 4.04 11.70
CA LEU A 123 7.51 3.16 12.28
C LEU A 123 8.64 3.97 12.90
N GLN A 124 9.25 4.89 12.14
CA GLN A 124 10.38 5.68 12.67
C GLN A 124 10.02 6.30 13.99
N ASP A 125 8.79 6.78 14.13
CA ASP A 125 8.35 7.41 15.39
C ASP A 125 8.26 6.40 16.56
N VAL A 126 7.97 5.13 16.25
CA VAL A 126 8.19 4.01 17.20
C VAL A 126 9.65 3.92 17.57
N PHE A 127 10.51 3.84 16.55
CA PHE A 127 11.97 3.70 16.75
C PHE A 127 12.58 4.88 17.53
N GLU A 128 12.25 6.10 17.13
CA GLU A 128 12.92 7.28 17.69
C GLU A 128 12.60 7.39 19.15
N PHE A 129 11.38 7.04 19.50
CA PHE A 129 10.93 7.12 20.88
C PHE A 129 11.68 6.13 21.75
N ARG A 130 11.56 4.84 21.43
CA ARG A 130 12.20 3.83 22.27
C ARG A 130 13.70 4.03 22.25
N TYR A 131 14.28 4.30 21.09
CA TYR A 131 15.71 4.59 21.06
C TYR A 131 16.09 5.69 22.08
N ALA A 132 15.32 6.77 22.16
CA ALA A 132 15.58 7.83 23.13
C ALA A 132 15.40 7.45 24.63
N LYS A 133 14.80 6.31 24.94
CA LYS A 133 14.71 5.88 26.33
C LYS A 133 15.87 4.97 26.72
N MET A 134 16.92 4.84 25.91
CA MET A 134 18.05 4.04 26.35
C MET A 134 18.73 4.69 27.55
N PRO A 135 19.29 3.87 28.45
CA PRO A 135 20.21 4.39 29.47
C PRO A 135 21.60 4.57 28.92
N LEU B 27 31.04 20.45 0.39
CA LEU B 27 30.25 20.29 1.65
C LEU B 27 29.42 21.56 2.03
N SER B 28 29.86 22.77 1.59
CA SER B 28 29.03 24.01 1.71
C SER B 28 27.90 23.98 0.71
N GLU B 29 28.08 23.31 -0.42
CA GLU B 29 26.97 23.01 -1.32
C GLU B 29 25.90 22.16 -0.61
N GLN B 30 26.34 21.13 0.11
CA GLN B 30 25.44 20.37 1.00
C GLN B 30 24.86 21.20 2.13
N LEU B 31 25.71 22.04 2.73
CA LEU B 31 25.30 22.91 3.85
C LEU B 31 24.35 24.05 3.46
N LYS B 32 24.48 24.57 2.23
CA LYS B 32 23.48 25.47 1.64
C LYS B 32 22.12 24.78 1.77
N HIS B 33 22.08 23.50 1.44
CA HIS B 33 20.84 22.76 1.46
C HIS B 33 20.28 22.58 2.88
N CYS B 34 21.14 22.23 3.85
CA CYS B 34 20.79 22.20 5.30
C CYS B 34 20.24 23.52 5.77
N ASN B 35 21.00 24.59 5.58
CA ASN B 35 20.54 25.95 5.89
C ASN B 35 19.12 26.29 5.34
N GLY B 36 18.75 25.73 4.20
CA GLY B 36 17.40 25.82 3.68
C GLY B 36 16.38 25.02 4.51
N ILE B 37 16.76 23.78 4.87
CA ILE B 37 15.95 22.92 5.75
C ILE B 37 15.66 23.63 7.08
N LEU B 38 16.69 24.32 7.61
CA LEU B 38 16.59 25.04 8.90
C LEU B 38 15.64 26.22 8.78
N LYS B 39 15.81 26.96 7.69
CA LYS B 39 14.90 28.01 7.29
C LYS B 39 13.47 27.53 7.15
N GLU B 40 13.30 26.32 6.61
CA GLU B 40 11.98 25.72 6.46
C GLU B 40 11.42 25.38 7.82
N LEU B 41 12.23 24.83 8.73
CA LEU B 41 11.75 24.46 10.07
C LEU B 41 11.26 25.66 10.88
N LEU B 42 12.01 26.75 10.82
CA LEU B 42 11.64 28.01 11.47
C LEU B 42 10.54 28.80 10.79
N SER B 43 10.23 28.46 9.54
CA SER B 43 9.19 29.16 8.78
C SER B 43 7.78 29.02 9.37
N LYS B 44 6.94 29.97 8.96
CA LYS B 44 5.58 30.17 9.47
C LYS B 44 4.71 28.96 9.19
N LYS B 45 4.88 28.35 8.01
CA LYS B 45 4.18 27.10 7.69
C LYS B 45 4.13 26.10 8.85
N HIS B 46 5.26 25.82 9.48
CA HIS B 46 5.33 24.82 10.55
C HIS B 46 5.23 25.32 12.01
N ALA B 47 5.01 26.61 12.23
CA ALA B 47 5.05 27.19 13.59
C ALA B 47 4.07 26.51 14.58
N ALA B 48 2.91 26.12 14.08
CA ALA B 48 1.91 25.32 14.81
C ALA B 48 2.49 24.25 15.74
N TYR B 49 3.41 23.46 15.20
CA TYR B 49 4.11 22.42 15.94
C TYR B 49 5.63 22.70 16.20
N ALA B 50 6.21 23.77 15.59
CA ALA B 50 7.67 24.15 15.74
C ALA B 50 8.03 24.88 17.02
N TRP B 51 7.10 25.69 17.52
CA TRP B 51 7.39 26.60 18.61
C TRP B 51 7.88 26.02 19.95
N PRO B 52 7.54 24.76 20.31
CA PRO B 52 8.22 24.27 21.54
C PRO B 52 9.74 24.02 21.37
N PHE B 53 10.22 24.03 20.12
CA PHE B 53 11.65 23.82 19.82
C PHE B 53 12.36 25.09 19.36
N TYR B 54 11.68 26.22 19.44
CA TYR B 54 12.24 27.43 18.91
C TYR B 54 13.38 27.91 19.83
N LYS B 55 13.12 27.98 21.14
CA LYS B 55 14.14 28.37 22.16
C LYS B 55 14.35 27.24 23.14
N PRO B 56 15.36 27.35 24.02
CA PRO B 56 15.50 26.30 25.01
C PRO B 56 14.24 26.12 25.84
N VAL B 57 13.96 24.86 26.15
CA VAL B 57 12.88 24.53 27.03
C VAL B 57 13.16 25.28 28.33
N ASP B 58 12.15 25.97 28.84
CA ASP B 58 12.34 26.88 29.94
C ASP B 58 12.07 26.06 31.20
N ALA B 59 13.07 25.35 31.71
CA ALA B 59 12.80 24.52 32.89
C ALA B 59 12.45 25.34 34.14
N SER B 60 12.99 26.56 34.27
CA SER B 60 12.63 27.45 35.39
C SER B 60 11.14 27.67 35.36
N ALA B 61 10.67 28.15 34.20
CA ALA B 61 9.27 28.46 33.96
C ALA B 61 8.37 27.35 34.43
N LEU B 62 8.55 26.18 33.85
CA LEU B 62 7.65 25.05 34.02
C LEU B 62 7.76 24.34 35.40
N GLY B 63 8.83 24.61 36.16
CA GLY B 63 9.06 23.91 37.43
C GLY B 63 9.33 22.45 37.12
N LEU B 64 10.32 22.26 36.28
CA LEU B 64 10.77 20.97 35.78
C LEU B 64 12.17 20.84 36.41
N HIS B 65 12.16 20.64 37.72
CA HIS B 65 13.39 20.58 38.48
C HIS B 65 14.25 19.42 37.94
N ASP B 66 13.63 18.44 37.29
CA ASP B 66 14.36 17.32 36.72
C ASP B 66 14.64 17.40 35.20
N TYR B 67 14.58 18.57 34.54
CA TYR B 67 14.97 18.61 33.11
C TYR B 67 16.46 18.30 32.98
N HIS B 68 17.30 19.11 33.61
CA HIS B 68 18.77 19.02 33.45
C HIS B 68 19.43 17.81 34.08
N ASP B 69 18.73 17.18 35.02
CA ASP B 69 19.08 15.84 35.46
C ASP B 69 19.00 14.86 34.28
N ILE B 70 17.92 14.93 33.51
CA ILE B 70 17.66 13.92 32.48
C ILE B 70 18.17 14.31 31.10
N ILE B 71 18.28 15.60 30.85
CA ILE B 71 18.66 16.07 29.55
C ILE B 71 19.98 16.83 29.68
N LYS B 72 21.04 16.07 29.48
CA LYS B 72 22.39 16.57 29.63
C LYS B 72 22.82 17.61 28.59
N HIS B 73 22.45 17.38 27.33
CA HIS B 73 22.83 18.23 26.20
C HIS B 73 21.55 18.75 25.55
N PRO B 74 21.02 19.90 26.05
CA PRO B 74 19.83 20.53 25.47
C PRO B 74 20.06 21.04 24.11
N MET B 75 19.00 21.25 23.34
CA MET B 75 19.11 21.78 21.97
C MET B 75 17.81 22.37 21.42
N ASP B 76 17.92 23.55 20.82
CA ASP B 76 16.78 24.28 20.27
C ASP B 76 17.13 24.62 18.83
N LEU B 77 16.14 25.00 18.04
CA LEU B 77 16.39 25.36 16.64
C LEU B 77 17.20 26.62 16.52
N SER B 78 17.19 27.50 17.52
CA SER B 78 17.88 28.79 17.41
C SER B 78 19.29 28.78 17.98
N THR B 79 19.60 27.75 18.78
CA THR B 79 20.99 27.42 19.05
C THR B 79 21.53 26.89 17.73
N VAL B 80 20.76 26.01 17.09
CA VAL B 80 21.14 25.46 15.78
C VAL B 80 21.36 26.57 14.70
N LYS B 81 20.50 27.58 14.69
CA LYS B 81 20.63 28.73 13.79
C LYS B 81 21.91 29.52 14.11
N ARG B 82 22.15 29.79 15.40
CA ARG B 82 23.39 30.45 15.89
C ARG B 82 24.69 29.78 15.45
N LYS B 83 24.66 28.44 15.48
CA LYS B 83 25.80 27.63 15.07
C LYS B 83 25.94 27.62 13.55
N MET B 84 24.80 27.58 12.87
CA MET B 84 24.77 27.65 11.41
C MET B 84 25.39 28.95 10.93
N GLU B 85 25.03 30.04 11.63
CA GLU B 85 25.47 31.38 11.26
C GLU B 85 26.94 31.56 11.59
N ASN B 86 27.43 30.89 12.62
CA ASN B 86 28.84 30.93 12.95
C ASN B 86 29.73 30.09 12.03
N ARG B 87 29.14 29.53 10.97
CA ARG B 87 29.81 28.56 10.12
C ARG B 87 30.38 27.33 10.92
N ASP B 88 29.72 26.94 12.02
CA ASP B 88 30.19 25.84 12.89
C ASP B 88 30.09 24.44 12.28
N TYR B 89 29.24 24.25 11.29
CA TYR B 89 28.98 22.89 10.84
C TYR B 89 29.99 22.43 9.78
N ARG B 90 30.70 21.32 10.07
CA ARG B 90 31.67 20.73 9.14
C ARG B 90 30.97 20.16 7.92
N ASP B 91 30.01 19.27 8.18
CA ASP B 91 29.20 18.62 7.15
C ASP B 91 27.77 18.47 7.61
N ALA B 92 26.91 17.95 6.75
CA ALA B 92 25.54 17.69 7.13
C ALA B 92 25.37 16.75 8.32
N GLN B 93 26.19 15.70 8.50
CA GLN B 93 26.08 14.87 9.73
C GLN B 93 25.99 15.69 11.02
N GLU B 94 26.91 16.64 11.18
CA GLU B 94 26.96 17.47 12.35
C GLU B 94 25.69 18.28 12.55
N PHE B 95 25.12 18.76 11.44
CA PHE B 95 23.85 19.50 11.45
C PHE B 95 22.75 18.58 11.93
N ALA B 96 22.58 17.45 11.22
CA ALA B 96 21.55 16.46 11.53
C ALA B 96 21.67 15.89 12.96
N ALA B 97 22.91 15.73 13.46
CA ALA B 97 23.15 15.24 14.84
C ALA B 97 22.49 16.12 15.88
N ASP B 98 22.76 17.42 15.78
CA ASP B 98 22.15 18.42 16.66
C ASP B 98 20.65 18.55 16.54
N VAL B 99 20.09 18.39 15.35
CA VAL B 99 18.64 18.36 15.21
C VAL B 99 18.04 17.08 15.80
N ARG B 100 18.60 15.92 15.48
CA ARG B 100 18.04 14.68 16.01
C ARG B 100 18.12 14.64 17.56
N LEU B 101 19.24 15.14 18.06
CA LEU B 101 19.44 15.34 19.51
C LEU B 101 18.34 16.15 20.13
N MET B 102 17.83 17.13 19.37
CA MET B 102 16.74 17.96 19.81
C MET B 102 15.46 17.15 19.93
N PHE B 103 15.13 16.39 18.88
CA PHE B 103 13.90 15.61 18.95
C PHE B 103 14.03 14.55 20.03
N SER B 104 15.24 14.01 20.18
CA SER B 104 15.49 12.93 21.15
C SER B 104 15.36 13.32 22.63
N ASN B 105 15.82 14.52 22.99
CA ASN B 105 15.66 15.03 24.32
C ASN B 105 14.17 15.00 24.55
N CYS B 106 13.40 15.67 23.71
CA CYS B 106 11.93 15.69 23.82
C CYS B 106 11.37 14.27 23.99
N TYR B 107 11.76 13.35 23.11
CA TYR B 107 11.25 11.97 23.19
C TYR B 107 11.64 11.31 24.48
N LYS B 108 12.89 11.49 24.91
CA LYS B 108 13.32 11.02 26.25
C LYS B 108 12.58 11.65 27.46
N TYR B 109 12.56 12.98 27.57
CA TYR B 109 12.00 13.68 28.72
C TYR B 109 10.54 13.39 28.94
N ASN B 110 9.82 13.32 27.84
CA ASN B 110 8.35 13.33 27.87
C ASN B 110 7.76 11.93 27.72
N PRO B 111 6.48 11.73 28.17
CA PRO B 111 5.75 10.49 27.90
C PRO B 111 5.19 10.55 26.49
N PRO B 112 4.81 9.39 25.91
CA PRO B 112 4.41 9.36 24.48
C PRO B 112 3.07 10.07 24.19
N ASP B 113 2.10 9.92 25.10
CA ASP B 113 0.80 10.58 24.98
C ASP B 113 0.83 12.13 24.96
N HIS B 114 1.89 12.73 25.52
CA HIS B 114 2.03 14.19 25.56
C HIS B 114 2.05 14.82 24.16
N ASP B 115 1.41 15.99 24.09
CA ASP B 115 1.35 16.78 22.87
C ASP B 115 2.75 17.02 22.24
N VAL B 116 3.73 17.54 23.00
CA VAL B 116 5.08 17.76 22.41
C VAL B 116 5.71 16.58 21.72
N VAL B 117 5.44 15.37 22.21
CA VAL B 117 5.90 14.20 21.52
C VAL B 117 5.26 14.13 20.11
N ALA B 118 3.96 14.43 19.98
CA ALA B 118 3.39 14.53 18.64
C ALA B 118 3.90 15.75 17.88
N MET B 119 4.04 16.88 18.57
CA MET B 119 4.50 18.08 17.87
C MET B 119 5.95 17.93 17.34
N ALA B 120 6.77 17.19 18.09
CA ALA B 120 8.16 16.89 17.68
C ALA B 120 8.13 15.93 16.51
N ARG B 121 7.27 14.92 16.58
CA ARG B 121 7.13 13.96 15.50
C ARG B 121 6.67 14.60 14.19
N LYS B 122 5.84 15.62 14.29
CA LYS B 122 5.38 16.29 13.10
C LYS B 122 6.53 17.10 12.56
N LEU B 123 7.27 17.79 13.43
CA LEU B 123 8.42 18.59 12.98
C LEU B 123 9.54 17.74 12.43
N GLN B 124 9.82 16.61 13.07
CA GLN B 124 10.88 15.71 12.60
C GLN B 124 10.59 15.15 11.20
N ASP B 125 9.35 14.75 10.94
CA ASP B 125 8.98 14.18 9.62
C ASP B 125 9.31 15.16 8.49
N VAL B 126 8.95 16.42 8.75
CA VAL B 126 9.35 17.57 7.94
C VAL B 126 10.87 17.67 7.80
N PHE B 127 11.59 17.53 8.91
CA PHE B 127 13.05 17.48 8.84
C PHE B 127 13.56 16.28 8.03
N GLU B 128 13.15 15.07 8.41
CA GLU B 128 13.80 13.82 7.93
C GLU B 128 13.62 13.63 6.45
N PHE B 129 12.45 14.05 6.00
CA PHE B 129 12.12 14.00 4.59
C PHE B 129 13.06 14.89 3.82
N ARG B 130 13.12 16.14 4.24
CA ARG B 130 13.82 17.14 3.47
C ARG B 130 15.33 16.94 3.53
N TYR B 131 15.82 16.46 4.67
CA TYR B 131 17.22 16.01 4.80
C TYR B 131 17.52 14.91 3.80
N ALA B 132 16.62 13.93 3.74
CA ALA B 132 16.77 12.82 2.80
C ALA B 132 16.79 13.19 1.32
N LYS B 133 16.25 14.34 0.92
CA LYS B 133 16.27 14.71 -0.49
C LYS B 133 17.59 15.33 -0.85
N MET B 134 18.33 15.78 0.15
CA MET B 134 19.59 16.47 -0.06
C MET B 134 20.50 15.82 -1.12
N PRO B 135 21.09 16.64 -2.01
CA PRO B 135 22.23 16.17 -2.76
C PRO B 135 23.46 16.30 -1.92
N LYS C 26 -9.45 -25.40 -31.29
CA LYS C 26 -10.66 -25.63 -30.44
C LYS C 26 -10.36 -25.10 -29.02
N LEU C 27 -10.48 -25.90 -27.95
CA LEU C 27 -10.31 -25.39 -26.56
C LEU C 27 -8.83 -25.18 -26.12
N SER C 28 -7.86 -25.54 -26.97
CA SER C 28 -6.43 -25.31 -26.73
C SER C 28 -5.89 -24.05 -27.42
N GLU C 29 -6.52 -23.62 -28.49
CA GLU C 29 -6.24 -22.29 -29.06
C GLU C 29 -6.76 -21.18 -28.13
N GLN C 30 -7.77 -21.52 -27.33
CA GLN C 30 -8.27 -20.66 -26.24
C GLN C 30 -7.31 -20.59 -25.06
N LEU C 31 -6.90 -21.76 -24.57
CA LEU C 31 -5.88 -21.82 -23.49
C LEU C 31 -4.57 -21.12 -23.85
N LYS C 32 -4.21 -21.15 -25.14
CA LYS C 32 -3.04 -20.43 -25.66
C LYS C 32 -3.28 -18.93 -25.44
N HIS C 33 -4.49 -18.49 -25.76
CA HIS C 33 -4.88 -17.11 -25.58
C HIS C 33 -4.85 -16.71 -24.11
N CYS C 34 -5.35 -17.58 -23.22
CA CYS C 34 -5.28 -17.37 -21.77
C CYS C 34 -3.85 -17.24 -21.27
N ASN C 35 -2.93 -18.03 -21.82
CA ASN C 35 -1.53 -17.96 -21.42
C ASN C 35 -0.98 -16.55 -21.73
N GLY C 36 -1.25 -16.09 -22.95
CA GLY C 36 -0.92 -14.71 -23.37
C GLY C 36 -1.45 -13.63 -22.44
N ILE C 37 -2.64 -13.86 -21.86
CA ILE C 37 -3.23 -13.00 -20.82
C ILE C 37 -2.35 -13.01 -19.56
N LEU C 38 -2.13 -14.23 -19.05
CA LEU C 38 -1.40 -14.45 -17.80
C LEU C 38 -0.04 -13.84 -17.89
N LYS C 39 0.58 -13.98 -19.05
CA LYS C 39 1.87 -13.35 -19.30
C LYS C 39 1.77 -11.82 -19.29
N GLU C 40 0.67 -11.24 -19.78
CA GLU C 40 0.45 -9.79 -19.63
C GLU C 40 0.23 -9.38 -18.17
N LEU C 41 -0.58 -10.13 -17.42
CA LEU C 41 -0.75 -9.87 -15.97
C LEU C 41 0.59 -9.85 -15.22
N LEU C 42 1.36 -10.91 -15.43
CA LEU C 42 2.72 -11.04 -14.91
C LEU C 42 3.72 -10.06 -15.50
N SER C 43 3.43 -9.49 -16.66
CA SER C 43 4.35 -8.53 -17.24
C SER C 43 4.55 -7.35 -16.27
N LYS C 44 5.78 -6.86 -16.29
CA LYS C 44 6.23 -5.65 -15.59
C LYS C 44 5.44 -4.38 -15.90
N LYS C 45 4.75 -4.29 -17.04
CA LYS C 45 3.84 -3.14 -17.31
C LYS C 45 2.94 -2.89 -16.13
N HIS C 46 2.23 -3.94 -15.74
CA HIS C 46 1.18 -3.88 -14.73
C HIS C 46 1.66 -4.13 -13.29
N ALA C 47 2.98 -4.04 -13.03
CA ALA C 47 3.58 -4.39 -11.71
C ALA C 47 3.14 -3.52 -10.56
N ALA C 48 2.90 -2.22 -10.86
CA ALA C 48 2.50 -1.20 -9.87
C ALA C 48 1.30 -1.59 -8.99
N TYR C 49 0.40 -2.34 -9.61
CA TYR C 49 -0.79 -2.90 -9.00
C TYR C 49 -0.92 -4.43 -9.17
N ALA C 50 0.00 -5.10 -9.88
CA ALA C 50 -0.01 -6.58 -9.93
C ALA C 50 0.81 -7.23 -8.81
N TRP C 51 1.76 -6.50 -8.24
CA TRP C 51 2.69 -7.11 -7.29
C TRP C 51 2.02 -7.87 -6.12
N PRO C 52 0.94 -7.32 -5.51
CA PRO C 52 0.37 -8.10 -4.40
C PRO C 52 -0.17 -9.48 -4.78
N PHE C 53 -0.31 -9.75 -6.08
CA PHE C 53 -0.86 -11.05 -6.60
C PHE C 53 0.17 -12.02 -7.15
N TYR C 54 1.42 -11.62 -7.03
CA TYR C 54 2.51 -12.30 -7.65
C TYR C 54 2.87 -13.61 -6.92
N LYS C 55 2.73 -13.60 -5.58
CA LYS C 55 2.84 -14.80 -4.73
C LYS C 55 1.70 -14.79 -3.67
N PRO C 56 1.68 -15.81 -2.77
CA PRO C 56 0.69 -15.80 -1.72
C PRO C 56 0.82 -14.64 -0.80
N VAL C 57 -0.24 -14.43 -0.06
CA VAL C 57 -0.35 -13.32 0.84
C VAL C 57 0.30 -13.76 2.14
N ASP C 58 1.46 -13.22 2.47
CA ASP C 58 2.16 -13.64 3.66
C ASP C 58 1.42 -13.25 4.93
N ALA C 59 0.44 -14.06 5.28
CA ALA C 59 -0.34 -13.90 6.49
C ALA C 59 0.47 -13.88 7.78
N SER C 60 1.48 -14.74 7.89
CA SER C 60 2.21 -14.83 9.17
C SER C 60 2.99 -13.53 9.41
N ALA C 61 3.52 -12.95 8.35
CA ALA C 61 4.33 -11.72 8.45
C ALA C 61 3.51 -10.49 8.72
N LEU C 62 2.37 -10.43 8.03
CA LEU C 62 1.46 -9.32 8.20
C LEU C 62 0.70 -9.37 9.51
N GLY C 63 0.62 -10.52 10.16
CA GLY C 63 -0.22 -10.63 11.37
C GLY C 63 -1.68 -11.05 11.11
N LEU C 64 -1.96 -11.51 9.92
CA LEU C 64 -3.31 -11.81 9.51
C LEU C 64 -3.92 -13.12 10.12
N HIS C 65 -3.99 -13.25 11.45
CA HIS C 65 -4.52 -14.50 12.12
C HIS C 65 -5.88 -15.08 11.63
N ASP C 66 -6.68 -14.24 10.99
CA ASP C 66 -7.96 -14.62 10.44
C ASP C 66 -7.98 -14.80 8.92
N TYR C 67 -6.90 -14.48 8.20
CA TYR C 67 -6.93 -14.57 6.74
C TYR C 67 -7.40 -15.95 6.32
N HIS C 68 -6.82 -17.01 6.87
CA HIS C 68 -7.24 -18.38 6.48
C HIS C 68 -8.59 -18.83 7.10
N ASP C 69 -9.06 -18.15 8.12
CA ASP C 69 -10.45 -18.32 8.51
C ASP C 69 -11.36 -17.87 7.37
N ILE C 70 -11.17 -16.64 6.95
CA ILE C 70 -12.03 -16.04 5.96
C ILE C 70 -11.79 -16.64 4.54
N ILE C 71 -10.53 -16.73 4.12
CA ILE C 71 -10.20 -17.14 2.76
C ILE C 71 -9.82 -18.62 2.76
N LYS C 72 -10.74 -19.43 2.26
CA LYS C 72 -10.64 -20.89 2.29
C LYS C 72 -9.90 -21.53 1.11
N HIS C 73 -9.68 -20.79 0.01
CA HIS C 73 -9.03 -21.32 -1.20
C HIS C 73 -8.13 -20.24 -1.80
N PRO C 74 -6.96 -19.94 -1.15
CA PRO C 74 -6.06 -18.88 -1.60
C PRO C 74 -5.55 -19.17 -2.98
N MET C 75 -5.14 -18.12 -3.68
CA MET C 75 -4.83 -18.20 -5.12
C MET C 75 -3.98 -17.00 -5.55
N ASP C 76 -2.90 -17.26 -6.27
CA ASP C 76 -2.04 -16.19 -6.78
C ASP C 76 -1.66 -16.50 -8.19
N LEU C 77 -1.23 -15.44 -8.88
CA LEU C 77 -0.86 -15.54 -10.26
C LEU C 77 0.21 -16.61 -10.44
N SER C 78 1.01 -16.85 -9.39
CA SER C 78 2.01 -17.95 -9.38
C SER C 78 1.36 -19.33 -9.47
N THR C 79 0.35 -19.54 -8.62
CA THR C 79 -0.51 -20.72 -8.66
C THR C 79 -1.11 -20.95 -10.02
N VAL C 80 -1.62 -19.87 -10.61
CA VAL C 80 -2.17 -19.87 -11.97
C VAL C 80 -1.11 -20.28 -12.98
N LYS C 81 0.06 -19.63 -12.93
CA LYS C 81 1.19 -19.94 -13.84
C LYS C 81 1.63 -21.41 -13.78
N ARG C 82 1.69 -21.98 -12.58
CA ARG C 82 2.06 -23.38 -12.42
C ARG C 82 1.01 -24.30 -13.01
N LYS C 83 -0.25 -24.08 -12.68
CA LYS C 83 -1.36 -24.82 -13.29
C LYS C 83 -1.36 -24.75 -14.84
N MET C 84 -1.03 -23.58 -15.39
CA MET C 84 -0.85 -23.47 -16.84
C MET C 84 0.36 -24.29 -17.26
N GLU C 85 1.53 -24.05 -16.65
CA GLU C 85 2.79 -24.79 -16.93
C GLU C 85 2.66 -26.33 -16.86
N ASN C 86 1.77 -26.85 -16.01
CA ASN C 86 1.48 -28.28 -15.97
C ASN C 86 0.41 -28.71 -16.95
N ARG C 87 -0.07 -27.78 -17.75
CA ARG C 87 -1.26 -28.03 -18.56
C ARG C 87 -2.45 -28.71 -17.77
N ASP C 88 -2.65 -28.30 -16.50
CA ASP C 88 -3.79 -28.77 -15.65
C ASP C 88 -5.03 -27.88 -15.76
N TYR C 89 -5.27 -27.24 -16.91
CA TYR C 89 -6.52 -26.48 -17.11
C TYR C 89 -7.25 -27.10 -18.28
N ARG C 90 -8.46 -27.65 -18.04
CA ARG C 90 -9.28 -28.26 -19.11
C ARG C 90 -9.66 -27.29 -20.23
N ASP C 91 -10.11 -26.09 -19.85
CA ASP C 91 -10.61 -25.07 -20.80
C ASP C 91 -10.44 -23.68 -20.22
N ALA C 92 -10.86 -22.66 -20.96
CA ALA C 92 -10.63 -21.27 -20.56
C ALA C 92 -11.43 -20.85 -19.36
N GLN C 93 -12.54 -21.54 -19.06
CA GLN C 93 -13.41 -21.18 -17.93
C GLN C 93 -12.80 -21.56 -16.59
N GLU C 94 -12.22 -22.75 -16.51
CA GLU C 94 -11.43 -23.16 -15.36
C GLU C 94 -10.28 -22.20 -15.10
N PHE C 95 -9.72 -21.61 -16.17
CA PHE C 95 -8.72 -20.55 -16.01
C PHE C 95 -9.35 -19.33 -15.30
N ALA C 96 -10.36 -18.76 -15.95
CA ALA C 96 -11.11 -17.61 -15.46
C ALA C 96 -11.63 -17.82 -14.03
N ALA C 97 -12.09 -19.04 -13.71
CA ALA C 97 -12.58 -19.36 -12.34
C ALA C 97 -11.54 -19.00 -11.29
N ASP C 98 -10.32 -19.45 -11.54
CA ASP C 98 -9.20 -19.27 -10.64
C ASP C 98 -8.72 -17.83 -10.60
N VAL C 99 -8.70 -17.13 -11.74
CA VAL C 99 -8.24 -15.72 -11.73
C VAL C 99 -9.26 -14.82 -11.07
N ARG C 100 -10.53 -15.15 -11.18
CA ARG C 100 -11.56 -14.43 -10.47
C ARG C 100 -11.54 -14.76 -8.98
N LEU C 101 -11.37 -16.04 -8.66
CA LEU C 101 -11.26 -16.50 -7.27
C LEU C 101 -10.20 -15.68 -6.52
N MET C 102 -9.11 -15.38 -7.22
CA MET C 102 -8.07 -14.52 -6.70
C MET C 102 -8.58 -13.13 -6.36
N PHE C 103 -9.21 -12.48 -7.33
CA PHE C 103 -9.72 -11.14 -7.11
C PHE C 103 -10.77 -11.19 -5.99
N SER C 104 -11.70 -12.16 -6.05
CA SER C 104 -12.71 -12.27 -4.99
C SER C 104 -12.11 -12.28 -3.59
N ASN C 105 -11.11 -13.15 -3.40
CA ASN C 105 -10.52 -13.32 -2.12
C ASN C 105 -10.01 -12.00 -1.65
N CYS C 106 -9.43 -11.21 -2.54
CA CYS C 106 -8.99 -9.85 -2.14
C CYS C 106 -10.17 -9.09 -1.64
N TYR C 107 -11.21 -9.04 -2.47
CA TYR C 107 -12.40 -8.23 -2.21
C TYR C 107 -13.13 -8.71 -1.00
N LYS C 108 -13.11 -10.03 -0.73
CA LYS C 108 -13.72 -10.55 0.51
C LYS C 108 -12.90 -10.12 1.75
N TYR C 109 -11.59 -10.38 1.75
CA TYR C 109 -10.81 -10.13 2.94
C TYR C 109 -10.71 -8.65 3.29
N ASN C 110 -10.69 -7.77 2.31
CA ASN C 110 -10.36 -6.37 2.58
C ASN C 110 -11.54 -5.41 2.59
N PRO C 111 -11.37 -4.27 3.27
CA PRO C 111 -12.28 -3.17 3.10
C PRO C 111 -12.25 -2.60 1.69
N PRO C 112 -13.35 -1.93 1.29
CA PRO C 112 -13.42 -1.36 -0.04
C PRO C 112 -12.47 -0.15 -0.22
N ASP C 113 -12.29 0.67 0.83
CA ASP C 113 -11.33 1.80 0.78
C ASP C 113 -9.81 1.42 0.69
N HIS C 114 -9.46 0.15 0.96
CA HIS C 114 -8.04 -0.30 1.04
C HIS C 114 -7.32 -0.37 -0.30
N ASP C 115 -6.07 0.05 -0.27
CA ASP C 115 -5.29 0.18 -1.49
C ASP C 115 -5.31 -1.15 -2.32
N VAL C 116 -5.03 -2.31 -1.71
CA VAL C 116 -5.11 -3.61 -2.43
C VAL C 116 -6.33 -3.82 -3.32
N VAL C 117 -7.49 -3.46 -2.80
CA VAL C 117 -8.75 -3.62 -3.53
C VAL C 117 -8.64 -2.78 -4.82
N ALA C 118 -8.24 -1.50 -4.67
CA ALA C 118 -8.01 -0.62 -5.83
C ALA C 118 -6.95 -1.16 -6.83
N MET C 119 -5.90 -1.77 -6.30
CA MET C 119 -4.95 -2.48 -7.10
C MET C 119 -5.65 -3.68 -7.74
N ALA C 120 -6.35 -4.46 -6.94
CA ALA C 120 -7.03 -5.67 -7.45
C ALA C 120 -7.98 -5.35 -8.58
N ARG C 121 -8.69 -4.21 -8.45
CA ARG C 121 -9.67 -3.79 -9.48
C ARG C 121 -9.07 -3.43 -10.82
N LYS C 122 -7.93 -2.75 -10.76
CA LYS C 122 -7.24 -2.28 -11.94
C LYS C 122 -6.63 -3.47 -12.66
N LEU C 123 -6.12 -4.43 -11.90
CA LEU C 123 -5.63 -5.66 -12.49
C LEU C 123 -6.75 -6.43 -13.08
N GLN C 124 -7.85 -6.56 -12.36
CA GLN C 124 -9.00 -7.29 -12.91
C GLN C 124 -9.50 -6.68 -14.23
N ASP C 125 -9.40 -5.37 -14.34
CA ASP C 125 -9.83 -4.68 -15.55
C ASP C 125 -9.00 -5.10 -16.78
N VAL C 126 -7.71 -5.28 -16.57
CA VAL C 126 -6.81 -5.82 -17.60
C VAL C 126 -7.26 -7.23 -17.98
N PHE C 127 -7.44 -8.08 -16.97
CA PHE C 127 -7.84 -9.48 -17.19
C PHE C 127 -9.16 -9.56 -17.92
N GLU C 128 -10.17 -8.88 -17.39
CA GLU C 128 -11.55 -9.06 -17.84
C GLU C 128 -11.71 -8.65 -19.29
N PHE C 129 -11.01 -7.59 -19.66
CA PHE C 129 -11.03 -7.08 -21.02
C PHE C 129 -10.39 -8.03 -22.01
N ARG C 130 -9.25 -8.62 -21.63
CA ARG C 130 -8.54 -9.51 -22.55
C ARG C 130 -9.22 -10.86 -22.56
N TYR C 131 -9.79 -11.29 -21.44
CA TYR C 131 -10.54 -12.53 -21.45
C TYR C 131 -11.76 -12.40 -22.35
N ALA C 132 -12.32 -11.21 -22.48
CA ALA C 132 -13.44 -10.96 -23.42
C ALA C 132 -13.11 -10.97 -24.95
N LYS C 133 -11.83 -10.82 -25.32
CA LYS C 133 -11.42 -10.87 -26.71
C LYS C 133 -10.98 -12.29 -27.10
N MET C 134 -11.36 -13.27 -26.28
CA MET C 134 -11.23 -14.69 -26.61
C MET C 134 -11.71 -15.09 -28.00
N PRO C 135 -10.91 -15.87 -28.73
CA PRO C 135 -11.45 -16.57 -29.88
C PRO C 135 -12.14 -17.86 -29.46
N LYS D 26 -27.18 -22.02 2.53
CA LYS D 26 -28.44 -22.39 1.85
C LYS D 26 -28.68 -21.47 0.65
N LEU D 27 -29.31 -22.04 -0.40
CA LEU D 27 -29.43 -21.41 -1.72
C LEU D 27 -30.26 -20.12 -1.74
N SER D 28 -31.45 -20.13 -1.14
CA SER D 28 -32.29 -18.92 -1.12
C SER D 28 -31.81 -17.87 -0.12
N GLU D 29 -30.81 -18.19 0.72
CA GLU D 29 -30.06 -17.16 1.47
C GLU D 29 -29.07 -16.46 0.58
N GLN D 30 -28.30 -17.25 -0.18
CA GLN D 30 -27.39 -16.71 -1.19
C GLN D 30 -28.12 -15.87 -2.24
N LEU D 31 -29.25 -16.39 -2.72
CA LEU D 31 -30.07 -15.72 -3.76
C LEU D 31 -30.81 -14.48 -3.23
N LYS D 32 -31.16 -14.49 -1.93
CA LYS D 32 -31.56 -13.30 -1.17
C LYS D 32 -30.45 -12.25 -1.18
N HIS D 33 -29.20 -12.67 -0.99
CA HIS D 33 -28.09 -11.76 -0.99
C HIS D 33 -27.85 -11.26 -2.40
N CYS D 34 -27.80 -12.16 -3.40
CA CYS D 34 -27.62 -11.74 -4.81
C CYS D 34 -28.65 -10.73 -5.21
N ASN D 35 -29.89 -11.01 -4.84
CA ASN D 35 -31.03 -10.07 -4.98
C ASN D 35 -30.69 -8.66 -4.44
N GLY D 36 -30.18 -8.57 -3.22
CA GLY D 36 -29.70 -7.30 -2.68
C GLY D 36 -28.59 -6.63 -3.47
N ILE D 37 -27.74 -7.43 -4.13
CA ILE D 37 -26.69 -6.89 -5.02
C ILE D 37 -27.36 -6.19 -6.20
N LEU D 38 -28.24 -6.94 -6.87
CA LEU D 38 -28.97 -6.43 -8.01
C LEU D 38 -29.77 -5.15 -7.69
N LYS D 39 -30.41 -5.10 -6.52
CA LYS D 39 -31.06 -3.86 -6.04
C LYS D 39 -30.06 -2.72 -5.90
N GLU D 40 -28.86 -3.02 -5.40
CA GLU D 40 -27.78 -2.05 -5.31
C GLU D 40 -27.33 -1.59 -6.69
N LEU D 41 -27.17 -2.52 -7.64
CA LEU D 41 -26.75 -2.17 -9.04
C LEU D 41 -27.69 -1.21 -9.74
N LEU D 42 -28.96 -1.51 -9.59
CA LEU D 42 -30.08 -0.69 -10.06
C LEU D 42 -30.25 0.66 -9.36
N SER D 43 -29.57 0.85 -8.22
CA SER D 43 -29.89 2.00 -7.37
C SER D 43 -29.34 3.27 -7.97
N LYS D 44 -29.83 4.37 -7.39
CA LYS D 44 -29.53 5.70 -7.85
C LYS D 44 -28.04 6.03 -7.66
N LYS D 45 -27.45 5.62 -6.53
CA LYS D 45 -25.99 5.81 -6.28
C LYS D 45 -25.18 5.68 -7.56
N HIS D 46 -25.40 4.58 -8.29
CA HIS D 46 -24.53 4.15 -9.40
C HIS D 46 -25.03 4.50 -10.80
N ALA D 47 -26.03 5.38 -10.91
CA ALA D 47 -26.77 5.55 -12.18
C ALA D 47 -26.01 6.26 -13.31
N ALA D 48 -24.99 7.02 -12.92
CA ALA D 48 -24.08 7.72 -13.86
C ALA D 48 -23.37 6.75 -14.82
N TYR D 49 -22.98 5.59 -14.30
CA TYR D 49 -22.30 4.51 -15.04
C TYR D 49 -23.13 3.19 -15.20
N ALA D 50 -24.35 3.10 -14.63
CA ALA D 50 -25.21 1.92 -14.78
C ALA D 50 -26.21 2.08 -15.92
N TRP D 51 -26.44 3.32 -16.36
CA TRP D 51 -27.44 3.57 -17.40
C TRP D 51 -27.23 2.85 -18.72
N PRO D 52 -25.99 2.63 -19.14
CA PRO D 52 -25.91 1.79 -20.35
C PRO D 52 -26.30 0.29 -20.16
N PHE D 53 -26.68 -0.13 -18.95
CA PHE D 53 -26.98 -1.55 -18.66
C PHE D 53 -28.35 -1.85 -18.03
N TYR D 54 -29.18 -0.83 -17.77
CA TYR D 54 -30.51 -1.09 -17.21
C TYR D 54 -31.36 -1.89 -18.19
N LYS D 55 -31.22 -1.61 -19.49
CA LYS D 55 -31.97 -2.32 -20.55
C LYS D 55 -31.04 -2.89 -21.59
N PRO D 56 -31.57 -3.75 -22.51
CA PRO D 56 -30.73 -4.24 -23.58
C PRO D 56 -30.17 -3.15 -24.40
N VAL D 57 -28.95 -3.39 -24.83
CA VAL D 57 -28.29 -2.60 -25.81
C VAL D 57 -29.25 -2.56 -27.00
N ASP D 58 -29.56 -1.35 -27.44
CA ASP D 58 -30.53 -1.12 -28.50
C ASP D 58 -29.77 -1.03 -29.83
N ALA D 59 -29.41 -2.17 -30.42
CA ALA D 59 -28.75 -2.17 -31.73
C ALA D 59 -29.41 -1.21 -32.73
N SER D 60 -30.75 -1.17 -32.76
CA SER D 60 -31.52 -0.29 -33.65
C SER D 60 -31.35 1.22 -33.45
N ALA D 61 -31.45 1.64 -32.19
CA ALA D 61 -31.20 3.04 -31.82
C ALA D 61 -29.78 3.51 -32.17
N LEU D 62 -28.82 2.57 -32.10
CA LEU D 62 -27.41 2.85 -32.27
C LEU D 62 -26.90 2.69 -33.69
N GLY D 63 -27.66 2.03 -34.54
CA GLY D 63 -27.29 1.90 -35.93
C GLY D 63 -26.11 0.97 -35.99
N LEU D 64 -26.33 -0.25 -35.53
CA LEU D 64 -25.28 -1.21 -35.26
C LEU D 64 -25.73 -2.51 -35.90
N HIS D 65 -25.49 -2.61 -37.20
CA HIS D 65 -25.95 -3.78 -37.96
C HIS D 65 -25.20 -5.08 -37.62
N ASP D 66 -24.16 -5.00 -36.78
CA ASP D 66 -23.38 -6.15 -36.35
C ASP D 66 -23.43 -6.48 -34.86
N TYR D 67 -24.03 -5.65 -33.99
CA TYR D 67 -23.98 -5.94 -32.55
C TYR D 67 -24.38 -7.38 -32.29
N HIS D 68 -25.47 -7.85 -32.90
CA HIS D 68 -25.92 -9.25 -32.68
C HIS D 68 -25.11 -10.38 -33.38
N ASP D 69 -24.35 -10.06 -34.43
CA ASP D 69 -23.35 -11.00 -34.98
C ASP D 69 -22.30 -11.31 -33.92
N ILE D 70 -21.72 -10.27 -33.36
CA ILE D 70 -20.60 -10.42 -32.43
C ILE D 70 -21.06 -10.96 -31.05
N ILE D 71 -22.18 -10.44 -30.53
CA ILE D 71 -22.68 -10.82 -29.21
C ILE D 71 -23.88 -11.77 -29.34
N LYS D 72 -23.58 -13.06 -29.25
CA LYS D 72 -24.59 -14.10 -29.53
C LYS D 72 -25.62 -14.15 -28.44
N HIS D 73 -25.17 -14.02 -27.19
CA HIS D 73 -26.03 -14.11 -26.03
C HIS D 73 -26.03 -12.79 -25.22
N PRO D 74 -26.82 -11.77 -25.63
CA PRO D 74 -26.90 -10.51 -24.88
C PRO D 74 -27.41 -10.66 -23.47
N MET D 75 -27.19 -9.62 -22.68
CA MET D 75 -27.62 -9.60 -21.29
C MET D 75 -27.63 -8.16 -20.73
N ASP D 76 -28.49 -7.94 -19.75
CA ASP D 76 -28.57 -6.66 -19.08
C ASP D 76 -29.28 -6.82 -17.75
N LEU D 77 -29.26 -5.76 -16.96
CA LEU D 77 -29.79 -5.80 -15.60
C LEU D 77 -31.29 -6.16 -15.55
N SER D 78 -32.11 -5.71 -16.51
CA SER D 78 -33.54 -5.97 -16.47
C SER D 78 -33.80 -7.43 -16.67
N THR D 79 -33.09 -8.00 -17.65
CA THR D 79 -33.13 -9.42 -17.94
C THR D 79 -32.73 -10.22 -16.72
N VAL D 80 -31.73 -9.76 -16.00
CA VAL D 80 -31.36 -10.37 -14.72
C VAL D 80 -32.47 -10.18 -13.66
N LYS D 81 -32.97 -8.95 -13.49
CA LYS D 81 -34.08 -8.61 -12.56
C LYS D 81 -35.30 -9.50 -12.83
N ARG D 82 -35.63 -9.66 -14.11
CA ARG D 82 -36.73 -10.52 -14.56
C ARG D 82 -36.52 -11.98 -14.25
N LYS D 83 -35.30 -12.47 -14.41
CA LYS D 83 -34.98 -13.85 -14.05
C LYS D 83 -34.93 -14.04 -12.52
N MET D 84 -34.44 -13.03 -11.83
CA MET D 84 -34.44 -13.04 -10.37
C MET D 84 -35.91 -13.10 -9.92
N GLU D 85 -36.78 -12.25 -10.49
CA GLU D 85 -38.25 -12.27 -10.22
C GLU D 85 -38.91 -13.64 -10.50
N ASN D 86 -38.59 -14.24 -11.65
CA ASN D 86 -39.16 -15.52 -12.07
C ASN D 86 -38.57 -16.74 -11.36
N ARG D 87 -37.51 -16.54 -10.59
CA ARG D 87 -36.77 -17.63 -9.93
C ARG D 87 -36.17 -18.61 -10.94
N ASP D 88 -35.53 -18.06 -11.97
CA ASP D 88 -34.85 -18.87 -12.98
C ASP D 88 -33.46 -19.28 -12.49
N TYR D 89 -33.04 -18.75 -11.35
CA TYR D 89 -31.70 -18.98 -10.85
C TYR D 89 -31.76 -20.04 -9.75
N ARG D 90 -31.10 -21.18 -10.00
CA ARG D 90 -30.97 -22.24 -8.98
C ARG D 90 -29.96 -21.87 -7.93
N ASP D 91 -28.98 -21.02 -8.25
CA ASP D 91 -27.96 -20.63 -7.28
C ASP D 91 -27.23 -19.31 -7.59
N ALA D 92 -26.31 -18.93 -6.72
CA ALA D 92 -25.56 -17.70 -6.87
C ALA D 92 -24.64 -17.69 -8.08
N GLN D 93 -24.06 -18.82 -8.48
CA GLN D 93 -23.12 -18.84 -9.65
C GLN D 93 -23.81 -18.41 -10.95
N GLU D 94 -24.99 -18.98 -11.22
CA GLU D 94 -25.80 -18.63 -12.41
C GLU D 94 -26.16 -17.14 -12.43
N PHE D 95 -26.33 -16.56 -11.25
CA PHE D 95 -26.56 -15.11 -11.11
C PHE D 95 -25.32 -14.39 -11.63
N ALA D 96 -24.20 -14.64 -10.96
CA ALA D 96 -22.93 -13.99 -11.28
C ALA D 96 -22.54 -14.20 -12.76
N ALA D 97 -22.74 -15.42 -13.27
CA ALA D 97 -22.35 -15.74 -14.66
C ALA D 97 -23.03 -14.90 -15.72
N ASP D 98 -24.29 -14.55 -15.48
CA ASP D 98 -25.03 -13.65 -16.34
C ASP D 98 -24.57 -12.20 -16.13
N VAL D 99 -24.46 -11.76 -14.89
CA VAL D 99 -23.88 -10.45 -14.59
C VAL D 99 -22.47 -10.24 -15.15
N ARG D 100 -21.73 -11.34 -15.33
CA ARG D 100 -20.41 -11.29 -15.97
C ARG D 100 -20.48 -11.40 -17.48
N LEU D 101 -21.39 -12.22 -17.99
CA LEU D 101 -21.67 -12.25 -19.43
C LEU D 101 -22.05 -10.84 -19.91
N MET D 102 -22.74 -10.08 -19.05
CA MET D 102 -23.08 -8.68 -19.34
C MET D 102 -21.88 -7.76 -19.48
N PHE D 103 -20.98 -7.76 -18.49
CA PHE D 103 -19.80 -6.94 -18.59
C PHE D 103 -18.91 -7.44 -19.72
N SER D 104 -18.81 -8.75 -19.90
CA SER D 104 -17.99 -9.32 -21.01
C SER D 104 -18.44 -8.97 -22.44
N ASN D 105 -19.76 -9.05 -22.67
CA ASN D 105 -20.38 -8.60 -23.90
C ASN D 105 -19.95 -7.17 -24.16
N CYS D 106 -19.82 -6.34 -23.12
CA CYS D 106 -19.35 -4.96 -23.31
C CYS D 106 -17.89 -4.88 -23.67
N TYR D 107 -17.06 -5.60 -22.95
CA TYR D 107 -15.62 -5.55 -23.21
C TYR D 107 -15.35 -6.18 -24.59
N LYS D 108 -16.09 -7.22 -24.99
CA LYS D 108 -15.96 -7.81 -26.35
C LYS D 108 -16.42 -6.93 -27.53
N TYR D 109 -17.52 -6.20 -27.39
CA TYR D 109 -18.00 -5.38 -28.49
C TYR D 109 -17.21 -4.09 -28.63
N ASN D 110 -16.75 -3.52 -27.54
CA ASN D 110 -16.28 -2.12 -27.56
C ASN D 110 -14.76 -1.98 -27.56
N PRO D 111 -14.22 -0.85 -28.09
CA PRO D 111 -12.81 -0.55 -27.83
C PRO D 111 -12.51 -0.22 -26.34
N PRO D 112 -11.23 -0.34 -25.91
CA PRO D 112 -10.93 -0.01 -24.51
C PRO D 112 -10.96 1.51 -24.23
N ASP D 113 -10.62 2.32 -25.22
CA ASP D 113 -10.81 3.78 -25.13
C ASP D 113 -12.27 4.30 -25.01
N HIS D 114 -13.29 3.45 -25.19
CA HIS D 114 -14.70 3.89 -25.15
C HIS D 114 -15.24 4.08 -23.73
N ASP D 115 -16.17 5.02 -23.59
CA ASP D 115 -16.76 5.35 -22.30
C ASP D 115 -17.49 4.15 -21.70
N VAL D 116 -18.20 3.38 -22.51
CA VAL D 116 -18.88 2.19 -21.97
C VAL D 116 -17.97 1.25 -21.24
N VAL D 117 -16.76 1.07 -21.74
CA VAL D 117 -15.83 0.18 -21.08
C VAL D 117 -15.50 0.73 -19.68
N ALA D 118 -15.23 2.04 -19.59
CA ALA D 118 -15.00 2.69 -18.27
C ALA D 118 -16.19 2.52 -17.34
N MET D 119 -17.38 2.68 -17.91
CA MET D 119 -18.62 2.49 -17.19
C MET D 119 -18.77 1.03 -16.76
N ALA D 120 -18.64 0.11 -17.71
CA ALA D 120 -18.82 -1.33 -17.40
C ALA D 120 -17.92 -1.74 -16.26
N ARG D 121 -16.68 -1.22 -16.29
CA ARG D 121 -15.69 -1.49 -15.23
C ARG D 121 -16.10 -0.90 -13.88
N LYS D 122 -16.47 0.36 -13.88
CA LYS D 122 -16.79 1.01 -12.63
C LYS D 122 -17.93 0.25 -11.95
N LEU D 123 -18.94 -0.12 -12.75
CA LEU D 123 -20.09 -0.90 -12.26
C LEU D 123 -19.72 -2.34 -11.89
N GLN D 124 -18.85 -2.97 -12.70
CA GLN D 124 -18.42 -4.34 -12.39
C GLN D 124 -17.69 -4.41 -11.06
N ASP D 125 -16.92 -3.38 -10.75
CA ASP D 125 -16.14 -3.41 -9.52
C ASP D 125 -17.07 -3.21 -8.29
N VAL D 126 -18.20 -2.54 -8.48
CA VAL D 126 -19.28 -2.54 -7.47
C VAL D 126 -19.87 -3.93 -7.30
N PHE D 127 -20.17 -4.59 -8.41
CA PHE D 127 -20.71 -5.95 -8.36
C PHE D 127 -19.78 -6.93 -7.70
N GLU D 128 -18.54 -7.00 -8.21
CA GLU D 128 -17.54 -8.04 -7.83
C GLU D 128 -17.20 -8.05 -6.32
N PHE D 129 -17.12 -6.83 -5.79
CA PHE D 129 -16.94 -6.59 -4.38
C PHE D 129 -18.08 -7.16 -3.55
N ARG D 130 -19.29 -6.73 -3.85
CA ARG D 130 -20.42 -7.11 -3.05
C ARG D 130 -20.69 -8.59 -3.21
N TYR D 131 -20.36 -9.15 -4.37
CA TYR D 131 -20.50 -10.59 -4.58
C TYR D 131 -19.61 -11.43 -3.67
N ALA D 132 -18.38 -10.96 -3.42
CA ALA D 132 -17.45 -11.68 -2.55
C ALA D 132 -17.81 -11.59 -1.06
N LYS D 133 -18.45 -10.51 -0.65
CA LYS D 133 -18.93 -10.34 0.73
C LYS D 133 -20.03 -11.35 1.06
N MET D 134 -20.79 -11.74 0.05
CA MET D 134 -21.81 -12.77 0.19
C MET D 134 -21.30 -14.04 0.90
N PRO D 135 -22.02 -14.50 1.94
CA PRO D 135 -21.82 -15.85 2.45
C PRO D 135 -22.71 -16.81 1.68
O XHN E . 7.42 0.32 -5.75
N XHN E . 8.30 0.64 -3.14
C XHN E . 7.76 1.45 -5.42
CBI XHN E . 7.36 3.16 -8.55
CBJ XHN E . 6.66 2.88 -9.85
CBK XHN E . 5.21 3.44 -9.70
OBN XHN E . 4.46 3.22 -10.92
CBL XHN E . 4.46 2.81 -8.48
CBM XHN E . 5.27 2.99 -7.18
CBH XHN E . 6.68 2.42 -7.40
NBF XHN E . 7.46 2.52 -6.15
CA XHN E . 8.53 1.72 -4.16
CAV XHN E . 8.86 0.62 -1.90
CAW XHN E . 9.75 1.62 -1.50
CAX XHN E . 10.35 1.62 -0.24
OBA XHN E . 11.14 2.52 0.13
NAY XHN E . 10.04 0.64 0.59
CBC XHN E . 10.66 0.65 1.94
CAZ XHN E . 9.17 -0.39 0.23
CAU XHN E . 8.55 -0.43 -1.00
CAA XHN E . 7.74 -1.57 -1.22
CAF XHN E . 8.35 -2.84 -1.33
CAE XHN E . 7.63 -4.06 -1.55
CAH XHN E . 8.29 -5.36 -1.67
CAI XHN E . 8.36 -5.80 -3.15
CAJ XHN E . 7.52 -6.44 -0.92
OAK XHN E . 9.67 -5.36 -1.19
CAD XHN E . 6.24 -3.95 -1.68
CAC XHN E . 5.62 -2.71 -1.56
CAB XHN E . 6.34 -1.52 -1.33
OAG XHN E . 5.80 -0.26 -1.20
CAL XHN E . 4.46 -0.08 -1.43
CAM XHN E . 3.58 -0.04 -0.31
CAR XHN E . 4.00 -0.18 1.03
CAN XHN E . 2.22 0.16 -0.56
CAO XHN E . 1.76 0.31 -1.89
FAT XHN E . 0.52 0.49 -2.12
CAP XHN E . 2.63 0.28 -2.98
CAQ XHN E . 4.00 0.07 -2.76
CAS XHN E . 4.86 0.03 -3.85
O XHN F . 6.01 21.18 30.78
N XHN F . 7.36 20.78 28.34
C XHN F . 6.41 20.04 30.48
CBI XHN F . 5.56 17.83 33.17
CBJ XHN F . 4.69 17.95 34.35
CBK XHN F . 3.28 17.50 33.89
OBN XHN F . 2.41 17.72 34.98
CBL XHN F . 2.73 18.26 32.68
CBM XHN F . 3.74 18.29 31.56
CBH XHN F . 5.06 18.79 32.14
NBF XHN F . 6.05 18.87 31.07
CA XHN F . 7.42 19.76 29.40
CAV XHN F . 8.14 20.69 27.23
CAW XHN F . 8.87 19.53 26.89
CAX XHN F . 9.68 19.43 25.75
OBA XHN F . 10.27 18.38 25.52
NAY XHN F . 9.75 20.50 24.94
CBC XHN F . 10.58 20.44 23.69
CAZ XHN F . 9.03 21.67 25.24
CAU XHN F . 8.22 21.80 26.38
CAA XHN F . 7.56 23.02 26.57
CAF XHN F . 8.35 24.20 26.56
CAE XHN F . 7.78 25.46 26.72
CAH XHN F . 8.54 26.66 26.74
CAI XHN F . 8.29 27.42 28.06
CAJ XHN F . 8.11 27.54 25.60
OAK XHN F . 9.97 26.43 26.55
CAD XHN F . 6.39 25.55 26.86
CAC XHN F . 5.59 24.41 26.86
CAB XHN F . 6.16 23.14 26.70
OAG XHN F . 5.41 21.98 26.69
CAL XHN F . 4.04 22.00 26.44
CAM XHN F . 3.58 22.10 25.13
CAR XHN F . 4.50 22.23 24.08
CAN XHN F . 2.20 22.10 24.86
CAO XHN F . 1.27 21.99 25.90
FAT XHN F . -0.24 21.97 25.54
CAP XHN F . 1.74 21.89 27.22
CAQ XHN F . 3.12 21.90 27.51
CAS XHN F . 3.58 21.78 28.83
O XHN G . -2.18 -6.60 5.29
N XHN G . -2.85 -7.68 2.85
C XHN G . -3.38 -6.82 5.10
CBI XHN G . -5.18 -6.06 8.20
CBJ XHN G . -4.77 -5.51 9.53
CBK XHN G . -4.57 -3.98 9.34
OBN XHN G . -4.07 -3.44 10.55
CBL XHN G . -3.59 -3.62 8.20
CBM XHN G . -3.92 -4.35 6.92
CBH XHN G . -4.06 -5.85 7.23
NBF XHN G . -4.35 -6.53 5.98
CA XHN G . -3.93 -7.43 3.83
CAV XHN G . -3.14 -8.15 1.63
CAW XHN G . -4.42 -8.64 1.24
CAX XHN G . -4.66 -9.11 -0.06
OBA XHN G . -5.78 -9.53 -0.40
NAY XHN G . -3.68 -9.11 -0.96
CBC XHN G . -3.92 -9.60 -2.35
CAZ XHN G . -2.40 -8.65 -0.60
CAU XHN G . -2.11 -8.17 0.68
CAA XHN G . -0.81 -7.76 0.87
CAF XHN G . 0.18 -8.76 0.85
CAE XHN G . 1.56 -8.46 0.98
CAH XHN G . 2.56 -9.50 0.99
CAI XHN G . 2.97 -9.82 2.44
CAJ XHN G . 3.79 -9.02 0.24
OAK XHN G . 2.11 -10.73 0.32
CAD XHN G . 1.92 -7.10 1.15
CAC XHN G . 0.94 -6.11 1.14
CAB XHN G . -0.42 -6.42 1.00
OAG XHN G . -1.44 -5.47 1.01
CAL XHN G . -1.19 -4.12 1.07
CAM XHN G . -1.01 -3.41 -0.11
CAR XHN G . -1.07 -4.01 -1.38
CAN XHN G . -0.78 -2.02 -0.04
CAO XHN G . -0.73 -1.35 1.17
FAT XHN G . -0.48 0.23 1.21
CAP XHN G . -0.90 -2.09 2.35
CAQ XHN G . -1.13 -3.47 2.32
CAS XHN G . -1.31 -4.20 3.52
O XHN H . -22.84 2.74 -29.85
N XHN H . -22.88 1.23 -27.56
C XHN H . -21.85 2.02 -29.65
CBI XHN H . -19.81 2.09 -32.62
CBJ XHN H . -19.75 2.79 -33.91
CBK XHN H . -18.95 4.07 -33.64
OBN XHN H . -18.87 4.75 -34.89
CBL XHN H . -19.59 5.02 -32.55
CBM XHN H . -19.99 4.29 -31.24
CBH XHN H . -20.64 2.90 -31.59
NBF XHN H . -20.76 2.03 -30.41
CA XHN H . -21.78 1.02 -28.52
CAV XHN H . -23.00 0.50 -26.42
CAW XHN H . -22.28 -0.66 -26.18
CAX XHN H . -22.41 -1.39 -25.00
OBA XHN H . -21.74 -2.41 -24.81
NAY XHN H . -23.27 -1.00 -24.05
CBC XHN H . -23.37 -1.78 -22.79
CAZ XHN H . -24.02 0.16 -24.27
CAU XHN H . -23.92 0.94 -25.43
CAA XHN H . -24.80 2.04 -25.53
CAF XHN H . -26.17 1.70 -25.47
CAE XHN H . -27.19 2.66 -25.55
CAH XHN H . -28.56 2.30 -25.47
CAI XHN H . -29.29 2.75 -26.76
CAJ XHN H . -29.15 2.95 -24.23
OAK XHN H . -28.81 0.89 -25.30
CAD XHN H . -26.80 4.02 -25.70
CAC XHN H . -25.46 4.38 -25.77
CAB XHN H . -24.44 3.40 -25.70
OAG XHN H . -23.11 3.63 -25.78
CAL XHN H . -22.66 4.89 -25.47
CAM XHN H . -22.51 5.22 -24.12
CAR XHN H . -22.88 4.30 -23.14
CAN XHN H . -22.00 6.47 -23.81
CAO XHN H . -21.66 7.39 -24.81
FAT XHN H . -21.15 8.74 -24.38
CAP XHN H . -21.80 7.03 -26.16
CAQ XHN H . -22.31 5.78 -26.49
CAS XHN H . -22.47 5.40 -27.83
#